data_4HZN
#
_entry.id   4HZN
#
_cell.length_a   60.165
_cell.length_b   60.165
_cell.length_c   311.193
_cell.angle_alpha   90.00
_cell.angle_beta   90.00
_cell.angle_gamma   120.00
#
_symmetry.space_group_name_H-M   'P 61 2 2'
#
loop_
_entity.id
_entity.type
_entity.pdbx_description
1 polymer 'Bifunctional Methylmalonyl-CoA:ACP Acyltransferase/Decarboxylase'
2 non-polymer 2-AMINO-2-HYDROXYMETHYL-PROPANE-1,3-DIOL
3 non-polymer GLYCEROL
4 non-polymer 'SULFATE ION'
5 water water
#
_entity_poly.entity_id   1
_entity_poly.type   'polypeptide(L)'
_entity_poly.pdbx_seq_one_letter_code
;(MSE)AHHHHHHVDDDDK(MSE)TITSSLDVRPEIKQAVTVRPG(MSE)CGPGSLFVGQLGDWTWETVSAQCDTDVFAAR
DASGNPTYLAFYYFRVRGGRELHPGSLTFGDRLTVTSGCYDQGTESVLTLHRIDRAGSDDAQRPLDLHEFYERPRDGSLY
VENFNRWVTRSAPGSNEDLVKSSPPGFRNDGLPQLPAAYSPRAVYREARTAHTFRALDEPGFRLLPDTVEVEHPVDIVRD
VNGVGLLYFASYFS(MSE)VDKAALALWRRLGRSDRAFLRRVVVDQQ(MSE)CYLGNADLDSVLTLGARVRVSTETPGEE
LVDVVISDRDSGRVIAVSTLHTQHDAHDPKGEA
;
_entity_poly.pdbx_strand_id   A
#
# COMPACT_ATOMS: atom_id res chain seq x y z
N PRO A 25 4.67 14.96 -18.43
CA PRO A 25 6.03 15.00 -17.86
C PRO A 25 6.11 14.33 -16.50
N GLU A 26 6.88 13.24 -16.43
CA GLU A 26 7.21 12.54 -15.19
C GLU A 26 7.95 13.44 -14.21
N ILE A 27 7.80 13.18 -12.92
CA ILE A 27 8.44 14.01 -11.90
C ILE A 27 9.58 13.29 -11.22
N LYS A 28 10.78 13.84 -11.40
CA LYS A 28 11.97 13.34 -10.74
C LYS A 28 12.36 14.25 -9.59
N GLN A 29 12.82 13.65 -8.51
CA GLN A 29 13.33 14.44 -7.40
C GLN A 29 14.42 13.69 -6.68
N ALA A 30 15.35 14.45 -6.12
CA ALA A 30 16.40 13.93 -5.27
C ALA A 30 15.86 13.97 -3.84
N VAL A 31 16.01 12.85 -3.12
CA VAL A 31 15.42 12.68 -1.78
C VAL A 31 16.47 12.15 -0.79
N THR A 32 16.65 12.86 0.31
CA THR A 32 17.45 12.37 1.43
C THR A 32 16.51 11.73 2.46
N VAL A 33 16.83 10.52 2.88
CA VAL A 33 15.98 9.80 3.83
C VAL A 33 15.95 10.52 5.20
N ARG A 34 14.74 10.85 5.63
CA ARG A 34 14.48 11.55 6.90
C ARG A 34 13.88 10.58 7.90
N PRO A 35 14.03 10.86 9.21
CA PRO A 35 13.36 10.00 10.20
C PRO A 35 11.87 9.85 9.94
N GLY A 36 11.25 10.88 9.37
CA GLY A 36 9.81 10.87 9.09
C GLY A 36 9.35 10.01 7.91
N CYS A 38 11.10 6.56 7.22
CA CYS A 38 11.66 5.21 7.27
C CYS A 38 11.47 4.54 8.63
N GLY A 39 11.99 3.32 8.78
CA GLY A 39 11.88 2.57 10.02
C GLY A 39 10.87 1.43 9.92
N PRO A 40 10.73 0.63 11.01
CA PRO A 40 9.85 -0.55 10.98
C PRO A 40 8.37 -0.20 11.00
N GLY A 41 8.05 1.08 11.16
CA GLY A 41 6.66 1.55 11.16
C GLY A 41 6.17 1.83 9.75
N SER A 42 5.14 2.67 9.63
CA SER A 42 4.51 2.94 8.34
C SER A 42 4.84 4.33 7.81
N LEU A 43 5.92 4.92 8.29
CA LEU A 43 6.32 6.28 7.86
C LEU A 43 6.69 6.37 6.37
N PHE A 44 7.34 5.34 5.86
CA PHE A 44 7.72 5.25 4.45
C PHE A 44 6.48 5.21 3.56
N VAL A 45 5.55 4.34 3.91
CA VAL A 45 4.25 4.20 3.23
C VAL A 45 3.46 5.51 3.27
N GLY A 46 3.48 6.20 4.42
CA GLY A 46 2.86 7.52 4.52
C GLY A 46 3.46 8.52 3.54
N GLN A 47 4.78 8.53 3.45
CA GLN A 47 5.51 9.45 2.56
C GLN A 47 5.20 9.14 1.09
N LEU A 48 5.18 7.86 0.76
CA LEU A 48 4.77 7.38 -0.57
C LEU A 48 3.38 7.89 -0.93
N GLY A 49 2.44 7.74 -0.01
CA GLY A 49 1.07 8.23 -0.18
C GLY A 49 0.99 9.73 -0.42
N ASP A 50 1.77 10.49 0.35
CA ASP A 50 1.91 11.94 0.19
C ASP A 50 2.44 12.29 -1.21
N TRP A 51 3.50 11.60 -1.64
CA TRP A 51 4.03 11.83 -2.99
C TRP A 51 3.00 11.49 -4.07
N THR A 52 2.18 10.46 -3.84
CA THR A 52 1.09 10.17 -4.77
C THR A 52 0.11 11.34 -4.89
N TRP A 53 -0.33 11.89 -3.76
CA TRP A 53 -1.24 13.04 -3.78
C TRP A 53 -0.60 14.26 -4.48
N GLU A 54 0.70 14.47 -4.26
CA GLU A 54 1.43 15.57 -4.92
C GLU A 54 1.54 15.33 -6.42
N THR A 55 1.86 14.10 -6.82
CA THR A 55 2.05 13.73 -8.24
C THR A 55 0.75 13.89 -9.05
N VAL A 56 -0.33 13.33 -8.51
CA VAL A 56 -1.66 13.50 -9.08
C VAL A 56 -2.03 14.98 -9.17
N SER A 57 -1.70 15.75 -8.14
CA SER A 57 -2.03 17.19 -8.11
C SER A 57 -1.39 17.92 -9.28
N ALA A 58 -0.16 17.56 -9.59
CA ALA A 58 0.62 18.21 -10.64
C ALA A 58 0.25 17.71 -12.03
N GLN A 59 -0.22 16.47 -12.13
CA GLN A 59 -0.49 15.88 -13.44
C GLN A 59 -1.96 15.87 -13.85
N CYS A 60 -2.87 16.04 -12.89
CA CYS A 60 -4.29 15.96 -13.18
C CYS A 60 -5.03 17.28 -12.90
N ASP A 61 -4.26 18.36 -12.77
CA ASP A 61 -4.78 19.75 -12.74
C ASP A 61 -5.79 20.00 -11.60
N THR A 62 -5.52 19.39 -10.44
CA THR A 62 -6.44 19.43 -9.31
C THR A 62 -5.61 19.45 -8.06
N ASP A 63 -5.95 20.32 -7.11
CA ASP A 63 -5.34 20.26 -5.79
C ASP A 63 -5.96 19.10 -5.00
N VAL A 64 -5.28 17.95 -4.99
CA VAL A 64 -5.77 16.75 -4.30
C VAL A 64 -6.01 16.97 -2.79
N PHE A 65 -5.15 17.75 -2.17
CA PHE A 65 -5.18 17.97 -0.73
C PHE A 65 -6.43 18.71 -0.26
N ALA A 66 -6.99 19.57 -1.12
CA ALA A 66 -8.14 20.40 -0.77
C ALA A 66 -9.33 20.18 -1.70
N ALA A 67 -9.41 18.99 -2.29
CA ALA A 67 -10.41 18.68 -3.31
C ALA A 67 -11.83 18.61 -2.73
N ARG A 68 -12.80 19.12 -3.51
CA ARG A 68 -14.20 19.10 -3.12
C ARG A 68 -15.07 18.77 -4.33
N ASP A 69 -16.19 18.11 -4.11
CA ASP A 69 -17.14 17.92 -5.20
C ASP A 69 -17.99 19.19 -5.39
N ALA A 70 -18.86 19.19 -6.41
CA ALA A 70 -19.62 20.37 -6.76
C ALA A 70 -20.47 20.93 -5.62
N SER A 71 -20.98 20.05 -4.75
CA SER A 71 -21.78 20.51 -3.61
C SER A 71 -20.95 21.06 -2.44
N GLY A 72 -19.61 20.99 -2.55
CA GLY A 72 -18.73 21.48 -1.49
C GLY A 72 -18.30 20.43 -0.47
N ASN A 73 -18.63 19.17 -0.75
CA ASN A 73 -18.27 18.04 0.11
CA ASN A 73 -18.24 18.08 0.13
C ASN A 73 -16.80 17.65 -0.13
N PRO A 74 -15.99 17.54 0.95
CA PRO A 74 -14.60 17.14 0.70
C PRO A 74 -14.57 15.77 0.07
N THR A 75 -13.74 15.64 -0.96
CA THR A 75 -13.53 14.35 -1.59
C THR A 75 -12.06 13.91 -1.46
N TYR A 76 -11.85 12.66 -1.07
CA TYR A 76 -10.52 12.19 -0.75
C TYR A 76 -10.07 11.20 -1.80
N LEU A 77 -8.82 11.34 -2.22
CA LEU A 77 -8.22 10.39 -3.16
C LEU A 77 -7.73 9.16 -2.38
N ALA A 78 -8.71 8.37 -1.95
CA ALA A 78 -8.50 7.19 -1.10
C ALA A 78 -7.64 6.12 -1.77
N PHE A 79 -6.84 5.42 -0.96
CA PHE A 79 -6.02 4.31 -1.46
C PHE A 79 -6.83 3.03 -1.58
N TYR A 80 -6.77 2.40 -2.74
CA TYR A 80 -7.50 1.15 -2.96
C TYR A 80 -6.55 -0.03 -3.13
N TYR A 81 -5.50 0.16 -3.91
CA TYR A 81 -4.44 -0.84 -4.08
C TYR A 81 -3.08 -0.19 -3.91
N PHE A 82 -2.21 -0.84 -3.15
CA PHE A 82 -0.91 -0.33 -2.78
C PHE A 82 0.11 -1.50 -2.85
N ARG A 83 1.12 -1.37 -3.71
CA ARG A 83 2.19 -2.36 -3.78
C ARG A 83 3.53 -1.69 -3.61
N VAL A 84 4.38 -2.28 -2.78
CA VAL A 84 5.79 -1.91 -2.67
C VAL A 84 6.62 -3.15 -2.91
N ARG A 85 7.34 -3.16 -4.03
CA ARG A 85 8.18 -4.28 -4.39
C ARG A 85 9.64 -3.86 -4.48
N GLY A 86 10.48 -4.56 -3.73
CA GLY A 86 11.92 -4.35 -3.79
C GLY A 86 12.61 -5.69 -3.95
N GLY A 87 13.66 -5.88 -3.15
CA GLY A 87 14.45 -7.10 -3.20
C GLY A 87 15.56 -6.97 -2.18
N ARG A 88 16.38 -8.01 -2.07
CA ARG A 88 17.50 -8.04 -1.14
C ARG A 88 18.43 -6.83 -1.28
N GLU A 89 18.77 -6.47 -2.52
CA GLU A 89 19.64 -5.33 -2.78
C GLU A 89 19.03 -3.96 -2.41
N LEU A 90 17.69 -3.87 -2.44
CA LEU A 90 16.98 -2.69 -1.94
C LEU A 90 15.53 -2.97 -1.59
N HIS A 91 15.21 -2.81 -0.32
CA HIS A 91 13.85 -2.97 0.19
C HIS A 91 13.62 -1.84 1.20
N PRO A 92 12.38 -1.66 1.71
CA PRO A 92 12.13 -0.52 2.61
C PRO A 92 13.00 -0.53 3.86
N GLY A 93 13.32 -1.73 4.35
CA GLY A 93 14.21 -1.91 5.50
C GLY A 93 15.66 -1.51 5.27
N SER A 94 16.07 -1.37 4.01
CA SER A 94 17.42 -0.92 3.65
C SER A 94 17.60 0.57 3.93
N LEU A 95 16.49 1.31 3.95
CA LEU A 95 16.53 2.76 3.97
C LEU A 95 16.86 3.27 5.37
N THR A 96 17.89 4.10 5.44
CA THR A 96 18.32 4.69 6.72
C THR A 96 18.63 6.18 6.57
N PHE A 97 18.72 6.89 7.70
CA PHE A 97 18.90 8.35 7.71
C PHE A 97 20.08 8.74 6.81
N GLY A 98 19.85 9.75 5.96
CA GLY A 98 20.93 10.29 5.15
C GLY A 98 21.12 9.65 3.79
N ASP A 99 20.55 8.47 3.58
CA ASP A 99 20.62 7.81 2.26
C ASP A 99 20.09 8.75 1.19
N ARG A 100 20.77 8.79 0.06
CA ARG A 100 20.38 9.65 -1.04
C ARG A 100 19.65 8.83 -2.09
N LEU A 101 18.43 9.25 -2.40
CA LEU A 101 17.57 8.53 -3.35
C LEU A 101 17.20 9.42 -4.51
N THR A 102 16.85 8.78 -5.61
CA THR A 102 16.19 9.48 -6.70
C THR A 102 14.83 8.83 -6.87
N VAL A 103 13.79 9.66 -6.96
CA VAL A 103 12.42 9.19 -7.02
C VAL A 103 11.82 9.66 -8.33
N THR A 104 11.26 8.72 -9.08
CA THR A 104 10.62 9.01 -10.36
C THR A 104 9.16 8.62 -10.26
N SER A 105 8.28 9.59 -10.49
CA SER A 105 6.84 9.43 -10.27
C SER A 105 6.06 9.88 -11.49
N GLY A 106 4.98 9.17 -11.79
CA GLY A 106 4.10 9.53 -12.90
C GLY A 106 2.75 8.88 -12.74
N CYS A 107 1.71 9.52 -13.25
CA CYS A 107 0.36 8.96 -13.17
C CYS A 107 -0.07 8.29 -14.47
N TYR A 108 -0.97 7.32 -14.35
CA TYR A 108 -1.48 6.59 -15.50
C TYR A 108 -3.00 6.59 -15.51
N ASP A 109 -3.57 6.70 -16.70
CA ASP A 109 -5.01 6.81 -16.89
C ASP A 109 -5.74 5.55 -16.45
N GLN A 110 -6.68 5.73 -15.52
CA GLN A 110 -7.59 4.66 -15.07
C GLN A 110 -9.01 5.19 -15.23
N GLY A 111 -9.16 6.14 -16.13
CA GLY A 111 -10.45 6.74 -16.35
C GLY A 111 -10.67 7.98 -15.51
N THR A 112 -11.94 8.27 -15.31
CA THR A 112 -12.42 9.58 -14.93
C THR A 112 -12.60 9.78 -13.42
N GLU A 113 -12.55 8.69 -12.65
CA GLU A 113 -12.92 8.66 -11.23
C GLU A 113 -11.80 8.12 -10.35
N SER A 114 -10.74 7.60 -10.99
CA SER A 114 -9.64 6.95 -10.30
C SER A 114 -8.35 7.24 -11.04
N VAL A 115 -7.22 6.83 -10.45
CA VAL A 115 -5.90 7.09 -11.05
C VAL A 115 -4.85 6.15 -10.47
N LEU A 116 -3.91 5.74 -11.30
CA LEU A 116 -2.78 4.93 -10.87
C LEU A 116 -1.54 5.81 -10.85
N THR A 117 -0.82 5.76 -9.74
CA THR A 117 0.44 6.50 -9.63
C THR A 117 1.57 5.52 -9.37
N LEU A 118 2.65 5.66 -10.14
CA LEU A 118 3.85 4.85 -9.98
C LEU A 118 4.96 5.69 -9.38
N HIS A 119 5.77 5.06 -8.53
CA HIS A 119 7.01 5.65 -8.00
C HIS A 119 8.11 4.61 -8.13
N ARG A 120 9.22 4.98 -8.76
CA ARG A 120 10.43 4.16 -8.74
C ARG A 120 11.47 4.89 -7.89
N ILE A 121 12.11 4.12 -7.02
CA ILE A 121 13.12 4.63 -6.11
C ILE A 121 14.43 3.89 -6.36
N ASP A 122 15.48 4.64 -6.67
CA ASP A 122 16.83 4.10 -6.84
C ASP A 122 17.72 4.87 -5.88
N ARG A 123 18.81 4.24 -5.42
CA ARG A 123 19.86 4.99 -4.72
C ARG A 123 20.43 6.01 -5.71
N ALA A 124 20.71 7.22 -5.25
CA ALA A 124 21.21 8.28 -6.12
C ALA A 124 22.57 7.90 -6.70
N GLY A 125 22.79 8.18 -7.97
CA GLY A 125 24.06 7.81 -8.61
C GLY A 125 24.29 6.31 -8.80
N SER A 126 23.24 5.50 -8.60
CA SER A 126 23.29 4.11 -9.02
C SER A 126 23.22 4.07 -10.55
N ASP A 127 23.56 2.91 -11.14
CA ASP A 127 23.52 2.73 -12.59
C ASP A 127 22.12 2.95 -13.18
N ASP A 128 22.00 3.95 -14.05
CA ASP A 128 20.78 4.20 -14.83
C ASP A 128 19.57 4.67 -13.97
N ALA A 129 19.85 5.41 -12.90
CA ALA A 129 18.81 5.94 -12.02
C ALA A 129 17.98 7.03 -12.71
N GLN A 130 18.52 7.57 -13.80
CA GLN A 130 17.86 8.62 -14.55
C GLN A 130 16.78 8.13 -15.51
N ARG A 131 16.72 6.82 -15.73
CA ARG A 131 15.78 6.22 -16.70
C ARG A 131 14.32 6.58 -16.38
N PRO A 132 13.47 6.72 -17.40
CA PRO A 132 12.08 7.03 -17.15
C PRO A 132 11.30 5.81 -16.68
N LEU A 133 10.04 6.01 -16.31
CA LEU A 133 9.22 4.89 -15.87
C LEU A 133 8.99 3.93 -17.03
N ASP A 134 9.05 2.64 -16.73
CA ASP A 134 8.93 1.60 -17.74
C ASP A 134 7.92 0.59 -17.22
N LEU A 135 6.74 0.58 -17.84
CA LEU A 135 5.66 -0.32 -17.40
C LEU A 135 6.08 -1.79 -17.39
N HIS A 136 6.81 -2.20 -18.44
CA HIS A 136 7.33 -3.56 -18.54
C HIS A 136 8.20 -3.88 -17.33
N GLU A 137 9.08 -2.95 -16.95
CA GLU A 137 9.92 -3.09 -15.77
C GLU A 137 9.04 -3.31 -14.52
N PHE A 138 8.06 -2.42 -14.33
CA PHE A 138 7.18 -2.46 -13.17
C PHE A 138 6.37 -3.74 -13.06
N TYR A 139 5.79 -4.17 -14.18
CA TYR A 139 4.81 -5.24 -14.15
C TYR A 139 5.37 -6.62 -14.52
N GLU A 140 6.46 -6.65 -15.28
CA GLU A 140 7.01 -7.94 -15.73
C GLU A 140 8.47 -8.19 -15.40
N ARG A 141 9.34 -7.18 -15.51
CA ARG A 141 10.75 -7.39 -15.18
C ARG A 141 11.33 -6.39 -14.17
N PRO A 142 10.92 -6.49 -12.89
CA PRO A 142 11.50 -5.61 -11.87
C PRO A 142 12.97 -5.95 -11.64
N ARG A 143 13.79 -4.91 -11.49
CA ARG A 143 15.22 -5.07 -11.27
C ARG A 143 15.55 -5.03 -9.79
N ASP A 144 16.57 -5.80 -9.40
CA ASP A 144 17.04 -5.71 -8.02
C ASP A 144 17.82 -4.40 -7.85
N GLY A 145 17.71 -3.79 -6.67
CA GLY A 145 18.34 -2.49 -6.43
C GLY A 145 17.45 -1.30 -6.73
N SER A 146 16.25 -1.58 -7.24
CA SER A 146 15.21 -0.56 -7.40
C SER A 146 13.97 -0.97 -6.64
N LEU A 147 13.24 0.03 -6.17
CA LEU A 147 12.04 -0.15 -5.39
C LEU A 147 10.89 0.37 -6.24
N TYR A 148 9.83 -0.43 -6.36
CA TYR A 148 8.71 -0.13 -7.25
C TYR A 148 7.40 0.03 -6.48
N VAL A 149 6.76 1.17 -6.66
CA VAL A 149 5.55 1.50 -5.93
C VAL A 149 4.37 1.75 -6.86
N GLU A 150 3.27 1.04 -6.59
CA GLU A 150 2.01 1.28 -7.25
C GLU A 150 0.97 1.72 -6.24
N ASN A 151 0.31 2.83 -6.56
CA ASN A 151 -0.84 3.28 -5.77
C ASN A 151 -2.00 3.46 -6.71
N PHE A 152 -3.02 2.62 -6.54
CA PHE A 152 -4.27 2.82 -7.23
C PHE A 152 -5.25 3.51 -6.30
N ASN A 153 -5.72 4.67 -6.75
CA ASN A 153 -6.54 5.52 -5.93
C ASN A 153 -7.88 5.83 -6.59
N ARG A 154 -8.88 6.11 -5.77
CA ARG A 154 -10.23 6.37 -6.25
C ARG A 154 -10.79 7.48 -5.37
N TRP A 155 -11.41 8.48 -5.99
CA TRP A 155 -12.06 9.58 -5.28
C TRP A 155 -13.32 9.14 -4.54
N VAL A 156 -13.40 9.46 -3.26
CA VAL A 156 -14.58 9.12 -2.48
C VAL A 156 -15.00 10.29 -1.60
N THR A 157 -16.23 10.20 -1.12
CA THR A 157 -16.79 11.20 -0.25
C THR A 157 -17.58 10.48 0.83
N ARG A 158 -17.76 11.12 1.98
CA ARG A 158 -18.58 10.56 3.04
C ARG A 158 -20.07 10.60 2.68
N SER A 159 -20.82 9.57 3.06
CA SER A 159 -22.28 9.59 2.83
C SER A 159 -22.97 10.41 3.91
N ALA A 160 -22.43 10.37 5.12
CA ALA A 160 -22.91 11.20 6.21
C ALA A 160 -21.71 11.80 6.95
N PRO A 161 -21.83 13.04 7.45
CA PRO A 161 -20.69 13.60 8.17
C PRO A 161 -20.46 12.86 9.49
N GLY A 162 -19.20 12.56 9.80
CA GLY A 162 -18.92 11.76 10.99
C GLY A 162 -19.27 10.28 10.82
N SER A 163 -19.40 9.84 9.57
CA SER A 163 -19.45 8.42 9.27
C SER A 163 -18.25 8.07 8.38
N ASN A 164 -17.58 6.98 8.70
CA ASN A 164 -16.47 6.49 7.89
C ASN A 164 -16.91 5.32 7.03
N GLU A 165 -18.20 4.99 7.11
CA GLU A 165 -18.76 3.86 6.38
C GLU A 165 -19.74 4.33 5.30
N ASP A 166 -20.12 3.40 4.42
CA ASP A 166 -20.94 3.70 3.23
C ASP A 166 -20.39 4.92 2.49
N LEU A 167 -19.12 4.85 2.11
CA LEU A 167 -18.50 5.93 1.36
C LEU A 167 -19.01 5.87 -0.07
N VAL A 168 -19.12 7.03 -0.70
CA VAL A 168 -19.68 7.12 -2.03
C VAL A 168 -18.62 7.60 -3.01
N LYS A 169 -18.54 6.96 -4.17
CA LYS A 169 -17.60 7.40 -5.17
C LYS A 169 -17.93 8.77 -5.75
N SER A 170 -16.86 9.51 -6.01
CA SER A 170 -16.94 10.88 -6.43
C SER A 170 -15.85 11.18 -7.46
N SER A 171 -15.75 12.46 -7.80
CA SER A 171 -14.55 13.03 -8.38
C SER A 171 -14.71 14.54 -8.43
N PRO A 172 -13.71 15.26 -7.94
CA PRO A 172 -13.79 16.72 -7.98
C PRO A 172 -13.90 17.16 -9.44
N PRO A 173 -14.79 18.12 -9.70
CA PRO A 173 -15.00 18.66 -11.04
C PRO A 173 -13.70 19.06 -11.78
N GLY A 174 -12.68 19.51 -11.06
CA GLY A 174 -11.41 19.85 -11.74
C GLY A 174 -10.63 18.69 -12.38
N PHE A 175 -10.99 17.46 -12.00
CA PHE A 175 -10.14 16.29 -12.25
C PHE A 175 -9.97 15.92 -13.70
N ARG A 176 -8.71 15.93 -14.16
CA ARG A 176 -8.41 15.64 -15.56
C ARG A 176 -7.49 14.43 -15.74
N ASN A 177 -8.01 13.40 -16.40
CA ASN A 177 -7.22 12.23 -16.78
C ASN A 177 -6.68 12.32 -18.23
N ASP A 178 -7.19 13.28 -19.00
CA ASP A 178 -6.91 13.35 -20.45
C ASP A 178 -5.43 13.43 -20.85
N GLY A 179 -4.59 13.98 -19.98
CA GLY A 179 -3.15 14.06 -20.27
C GLY A 179 -2.35 12.75 -20.14
N LEU A 180 -2.95 11.74 -19.51
CA LEU A 180 -2.18 10.62 -18.95
C LEU A 180 -1.88 9.47 -19.90
N PRO A 181 -0.70 8.86 -19.76
CA PRO A 181 -0.36 7.65 -20.52
C PRO A 181 -1.27 6.48 -20.13
N GLN A 182 -1.43 5.53 -21.05
CA GLN A 182 -2.32 4.40 -20.87
C GLN A 182 -1.59 3.18 -20.39
N LEU A 183 -2.32 2.31 -19.69
CA LEU A 183 -1.87 0.97 -19.39
C LEU A 183 -2.42 0.03 -20.46
N PRO A 184 -1.63 -0.99 -20.85
CA PRO A 184 -2.22 -2.05 -21.67
C PRO A 184 -3.11 -2.92 -20.78
N ALA A 185 -4.02 -3.67 -21.41
CA ALA A 185 -4.97 -4.51 -20.68
C ALA A 185 -4.29 -5.47 -19.70
N ALA A 186 -3.11 -5.97 -20.06
CA ALA A 186 -2.36 -6.93 -19.25
C ALA A 186 -1.99 -6.43 -17.84
N TYR A 187 -1.82 -5.13 -17.73
CA TYR A 187 -1.37 -4.54 -16.48
C TYR A 187 -2.60 -3.88 -15.87
N SER A 188 -3.07 -4.47 -14.77
CA SER A 188 -4.38 -4.11 -14.26
C SER A 188 -4.36 -4.20 -12.74
N PRO A 189 -4.06 -3.07 -12.07
CA PRO A 189 -4.15 -3.03 -10.62
C PRO A 189 -5.56 -3.43 -10.17
N ARG A 190 -6.57 -3.00 -10.94
CA ARG A 190 -7.95 -3.32 -10.65
C ARG A 190 -8.21 -4.83 -10.63
N ALA A 191 -7.71 -5.55 -11.62
CA ALA A 191 -7.86 -7.00 -11.62
C ALA A 191 -7.11 -7.64 -10.46
N VAL A 192 -5.94 -7.09 -10.13
CA VAL A 192 -5.16 -7.60 -9.00
C VAL A 192 -5.93 -7.39 -7.69
N TYR A 193 -6.46 -6.18 -7.52
CA TYR A 193 -7.34 -5.79 -6.41
C TYR A 193 -8.49 -6.79 -6.25
N ARG A 194 -9.23 -7.02 -7.34
CA ARG A 194 -10.39 -7.90 -7.31
C ARG A 194 -10.08 -9.33 -6.92
N GLU A 195 -8.93 -9.83 -7.34
CA GLU A 195 -8.52 -11.19 -7.02
C GLU A 195 -8.17 -11.34 -5.52
N ALA A 196 -7.42 -10.40 -4.96
CA ALA A 196 -7.08 -10.44 -3.53
C ALA A 196 -8.33 -10.40 -2.64
N ARG A 197 -9.28 -9.57 -3.05
CA ARG A 197 -10.55 -9.39 -2.37
C ARG A 197 -11.33 -10.71 -2.30
N THR A 198 -11.18 -11.54 -3.33
CA THR A 198 -11.81 -12.85 -3.42
C THR A 198 -11.01 -13.94 -2.71
N ALA A 199 -9.70 -13.95 -2.94
CA ALA A 199 -8.86 -15.05 -2.46
C ALA A 199 -8.28 -14.81 -1.08
N HIS A 200 -8.38 -13.57 -0.59
CA HIS A 200 -7.75 -13.15 0.68
C HIS A 200 -6.24 -13.41 0.72
N THR A 201 -5.61 -13.21 -0.43
CA THR A 201 -4.15 -13.29 -0.58
C THR A 201 -3.83 -12.72 -1.96
N PHE A 202 -2.61 -12.24 -2.15
CA PHE A 202 -2.18 -11.80 -3.48
C PHE A 202 -1.38 -12.89 -4.21
N ARG A 203 -1.13 -13.99 -3.50
CA ARG A 203 -0.39 -15.11 -4.07
C ARG A 203 -1.25 -16.37 -3.94
N ALA A 204 -1.80 -16.81 -5.06
CA ALA A 204 -2.72 -17.95 -5.12
C ALA A 204 -2.24 -19.12 -4.27
N LEU A 205 -3.15 -19.72 -3.51
CA LEU A 205 -2.80 -20.81 -2.59
C LEU A 205 -2.20 -22.03 -3.26
N ASP A 206 -2.54 -22.25 -4.53
CA ASP A 206 -1.94 -23.36 -5.30
C ASP A 206 -0.63 -22.97 -6.02
N GLU A 207 -0.02 -21.86 -5.61
CA GLU A 207 1.31 -21.54 -6.10
C GLU A 207 2.28 -22.60 -5.58
N PRO A 208 3.01 -23.25 -6.52
CA PRO A 208 3.96 -24.28 -6.10
C PRO A 208 5.16 -23.69 -5.38
N GLY A 209 5.75 -24.49 -4.48
CA GLY A 209 6.96 -24.10 -3.78
C GLY A 209 6.72 -23.60 -2.36
N PHE A 210 5.49 -23.73 -1.88
CA PHE A 210 5.09 -23.24 -0.56
C PHE A 210 4.21 -24.23 0.20
N ARG A 211 4.45 -24.35 1.50
CA ARG A 211 3.60 -25.14 2.38
C ARG A 211 2.95 -24.23 3.39
N LEU A 212 1.62 -24.34 3.51
CA LEU A 212 0.86 -23.58 4.47
C LEU A 212 1.01 -24.17 5.87
N LEU A 213 1.51 -23.36 6.81
CA LEU A 213 1.62 -23.77 8.21
C LEU A 213 0.25 -23.84 8.89
N PRO A 214 0.14 -24.69 9.94
CA PRO A 214 -1.14 -24.80 10.65
C PRO A 214 -1.37 -23.62 11.59
N ASP A 215 -0.30 -23.05 12.13
CA ASP A 215 -0.38 -21.95 13.09
C ASP A 215 -0.95 -20.69 12.43
N THR A 216 -1.96 -20.11 13.07
CA THR A 216 -2.57 -18.87 12.60
C THR A 216 -2.94 -18.02 13.82
N VAL A 217 -3.06 -16.72 13.63
CA VAL A 217 -3.53 -15.84 14.70
C VAL A 217 -4.75 -15.04 14.30
N GLU A 218 -5.55 -14.71 15.31
CA GLU A 218 -6.70 -13.84 15.15
C GLU A 218 -6.63 -12.86 16.31
N VAL A 219 -6.30 -11.60 16.00
CA VAL A 219 -6.02 -10.59 17.01
C VAL A 219 -7.05 -9.48 16.97
N GLU A 220 -7.67 -9.17 18.13
CA GLU A 220 -8.60 -8.06 18.25
CA GLU A 220 -8.61 -8.07 18.19
C GLU A 220 -7.84 -6.76 18.23
N HIS A 221 -8.26 -5.81 17.41
CA HIS A 221 -7.62 -4.51 17.38
C HIS A 221 -8.67 -3.41 17.46
N PRO A 222 -8.90 -2.89 18.69
CA PRO A 222 -9.72 -1.70 18.79
C PRO A 222 -9.03 -0.56 18.03
N VAL A 223 -9.79 0.24 17.31
CA VAL A 223 -9.20 1.38 16.59
C VAL A 223 -8.45 2.24 17.60
N ASP A 224 -7.19 2.52 17.29
CA ASP A 224 -6.35 3.35 18.15
C ASP A 224 -6.56 4.82 17.73
N ILE A 225 -7.31 5.57 18.54
CA ILE A 225 -7.72 6.90 18.13
C ILE A 225 -6.59 7.95 18.13
N VAL A 226 -5.46 7.63 18.75
CA VAL A 226 -4.28 8.48 18.61
C VAL A 226 -3.39 8.07 17.45
N ARG A 227 -3.31 6.77 17.15
CA ARG A 227 -2.34 6.28 16.17
C ARG A 227 -2.88 5.85 14.81
N ASP A 228 -4.18 5.53 14.73
CA ASP A 228 -4.78 4.98 13.51
C ASP A 228 -5.54 6.02 12.66
N VAL A 229 -5.65 7.25 13.15
CA VAL A 229 -6.63 8.23 12.60
C VAL A 229 -5.96 9.39 11.88
N ASN A 230 -6.44 9.68 10.67
CA ASN A 230 -5.88 10.79 9.87
C ASN A 230 -6.54 12.14 10.19
N GLY A 231 -6.08 13.20 9.55
CA GLY A 231 -6.49 14.56 9.89
C GLY A 231 -7.90 14.97 9.49
N VAL A 232 -8.62 14.09 8.81
CA VAL A 232 -10.05 14.32 8.55
C VAL A 232 -10.94 13.26 9.24
N GLY A 233 -10.35 12.51 10.17
CA GLY A 233 -11.12 11.57 10.99
C GLY A 233 -11.39 10.21 10.38
N LEU A 234 -10.75 9.90 9.26
CA LEU A 234 -10.82 8.56 8.68
C LEU A 234 -9.67 7.74 9.25
N LEU A 235 -9.81 6.42 9.22
CA LEU A 235 -8.65 5.56 9.49
C LEU A 235 -7.62 5.88 8.43
N TYR A 236 -6.39 6.11 8.88
CA TYR A 236 -5.28 6.54 8.02
C TYR A 236 -4.73 5.38 7.21
N PHE A 237 -4.62 5.56 5.89
CA PHE A 237 -4.23 4.44 4.99
C PHE A 237 -2.92 3.78 5.44
N ALA A 238 -1.99 4.58 5.96
CA ALA A 238 -0.67 4.09 6.36
C ALA A 238 -0.78 3.18 7.58
N SER A 239 -1.72 3.48 8.48
CA SER A 239 -1.98 2.70 9.70
C SER A 239 -2.45 1.26 9.46
N TYR A 240 -3.12 1.00 8.33
CA TYR A 240 -3.45 -0.37 7.94
C TYR A 240 -2.16 -1.20 7.80
N PHE A 241 -1.08 -0.59 7.31
CA PHE A 241 0.22 -1.27 7.23
C PHE A 241 0.70 -1.63 8.64
N SER A 242 0.53 -0.71 9.57
CA SER A 242 0.87 -0.94 10.99
C SER A 242 0.02 -2.05 11.59
N VAL A 244 -1.36 -4.47 9.92
CA VAL A 244 -0.89 -5.70 9.30
C VAL A 244 0.40 -6.21 9.97
N ASP A 245 1.34 -5.31 10.28
CA ASP A 245 2.54 -5.71 10.98
C ASP A 245 2.24 -6.20 12.39
N LYS A 246 1.23 -5.61 13.01
CA LYS A 246 0.77 -6.06 14.33
C LYS A 246 0.36 -7.52 14.26
N ALA A 247 -0.43 -7.88 13.25
CA ALA A 247 -0.85 -9.27 13.02
C ALA A 247 0.32 -10.19 12.68
N ALA A 248 1.22 -9.73 11.81
CA ALA A 248 2.41 -10.51 11.43
C ALA A 248 3.34 -10.76 12.62
N LEU A 249 3.47 -9.77 13.50
CA LEU A 249 4.28 -9.89 14.71
C LEU A 249 3.69 -10.90 15.72
N ALA A 250 2.36 -10.90 15.89
CA ALA A 250 1.71 -11.89 16.75
C ALA A 250 1.99 -13.31 16.25
N LEU A 251 1.82 -13.52 14.96
CA LEU A 251 2.12 -14.80 14.34
C LEU A 251 3.61 -15.14 14.48
N TRP A 252 4.46 -14.13 14.30
CA TRP A 252 5.91 -14.28 14.40
C TRP A 252 6.33 -14.77 15.78
N ARG A 253 5.67 -14.24 16.81
CA ARG A 253 5.98 -14.59 18.20
C ARG A 253 5.38 -15.93 18.59
N ARG A 254 4.21 -16.23 18.05
CA ARG A 254 3.53 -17.51 18.28
C ARG A 254 4.36 -18.68 17.73
N LEU A 255 5.15 -18.41 16.70
CA LEU A 255 6.09 -19.38 16.13
C LEU A 255 7.39 -19.44 16.94
N GLY A 256 7.42 -18.73 18.06
CA GLY A 256 8.59 -18.70 18.95
C GLY A 256 9.79 -17.91 18.47
N ARG A 257 9.60 -17.04 17.48
CA ARG A 257 10.70 -16.22 16.98
C ARG A 257 10.83 -14.90 17.76
N SER A 258 11.99 -14.27 17.67
CA SER A 258 12.32 -13.12 18.50
C SER A 258 11.99 -11.75 17.87
N ASP A 259 11.79 -10.77 18.75
CA ASP A 259 11.53 -9.38 18.37
C ASP A 259 12.64 -8.81 17.49
N ARG A 260 13.89 -9.05 17.87
CA ARG A 260 15.05 -8.59 17.11
CA ARG A 260 15.01 -8.54 17.06
C ARG A 260 15.10 -9.21 15.70
N ALA A 261 14.70 -10.47 15.60
CA ALA A 261 14.61 -11.16 14.30
C ALA A 261 13.51 -10.54 13.44
N PHE A 262 12.37 -10.19 14.07
CA PHE A 262 11.29 -9.52 13.35
C PHE A 262 11.75 -8.23 12.70
N LEU A 263 12.58 -7.46 13.41
CA LEU A 263 13.09 -6.17 12.92
C LEU A 263 14.17 -6.35 11.86
N ARG A 264 14.71 -7.56 11.75
CA ARG A 264 15.71 -7.88 10.73
C ARG A 264 15.08 -8.33 9.41
N ARG A 265 13.82 -8.79 9.47
CA ARG A 265 13.15 -9.41 8.32
C ARG A 265 13.15 -8.50 7.07
N VAL A 266 13.29 -9.12 5.91
CA VAL A 266 13.39 -8.43 4.64
C VAL A 266 12.07 -8.66 3.89
N VAL A 267 11.33 -7.58 3.68
CA VAL A 267 10.07 -7.64 2.94
C VAL A 267 10.37 -7.20 1.49
N VAL A 268 10.50 -8.19 0.59
CA VAL A 268 10.83 -7.90 -0.82
C VAL A 268 9.61 -7.48 -1.64
N ASP A 269 8.41 -7.78 -1.13
CA ASP A 269 7.17 -7.45 -1.85
C ASP A 269 6.06 -7.38 -0.83
N GLN A 270 5.24 -6.35 -0.94
CA GLN A 270 4.02 -6.25 -0.14
C GLN A 270 2.90 -5.62 -0.94
N GLN A 271 1.75 -6.28 -0.91
CA GLN A 271 0.56 -5.78 -1.57
C GLN A 271 -0.53 -5.55 -0.53
N CYS A 273 -4.69 -4.24 -0.23
CA CYS A 273 -5.99 -3.94 -0.82
C CYS A 273 -6.89 -3.34 0.25
N TYR A 274 -7.35 -2.10 0.03
CA TYR A 274 -8.28 -1.45 0.96
C TYR A 274 -9.72 -1.58 0.43
N LEU A 275 -10.58 -2.20 1.23
CA LEU A 275 -11.97 -2.41 0.82
C LEU A 275 -12.89 -1.38 1.46
N GLY A 276 -12.52 -0.93 2.65
CA GLY A 276 -13.32 0.04 3.37
C GLY A 276 -12.54 0.72 4.47
N ASN A 277 -13.17 1.75 5.02
CA ASN A 277 -12.72 2.41 6.23
C ASN A 277 -13.60 1.90 7.36
N ALA A 278 -13.57 2.55 8.52
CA ALA A 278 -14.39 2.11 9.67
C ALA A 278 -14.50 3.23 10.67
N ASP A 279 -15.66 3.32 11.33
CA ASP A 279 -15.89 4.31 12.38
C ASP A 279 -14.91 4.10 13.53
N LEU A 280 -14.67 5.16 14.28
CA LEU A 280 -13.54 5.20 15.23
C LEU A 280 -13.76 4.43 16.53
N ASP A 281 -15.01 4.01 16.77
CA ASP A 281 -15.32 3.07 17.87
C ASP A 281 -15.21 1.57 17.49
N SER A 282 -14.79 1.28 16.25
CA SER A 282 -14.80 -0.10 15.76
C SER A 282 -13.75 -0.96 16.45
N VAL A 283 -14.08 -2.24 16.64
CA VAL A 283 -13.13 -3.26 17.02
C VAL A 283 -12.86 -4.12 15.77
N LEU A 284 -11.64 -4.02 15.27
CA LEU A 284 -11.24 -4.78 14.10
C LEU A 284 -10.60 -6.11 14.52
N THR A 285 -10.59 -7.06 13.60
CA THR A 285 -9.99 -8.36 13.81
C THR A 285 -8.91 -8.53 12.77
N LEU A 286 -7.72 -8.91 13.23
CA LEU A 286 -6.60 -9.07 12.35
C LEU A 286 -6.27 -10.54 12.28
N GLY A 287 -6.51 -11.13 11.11
CA GLY A 287 -6.21 -12.53 10.86
C GLY A 287 -4.96 -12.71 10.01
N ALA A 288 -4.11 -13.65 10.42
CA ALA A 288 -2.82 -13.89 9.75
C ALA A 288 -2.47 -15.37 9.66
N ARG A 289 -1.94 -15.74 8.50
CA ARG A 289 -1.49 -17.10 8.24
C ARG A 289 -0.19 -16.99 7.45
N VAL A 290 0.55 -18.09 7.35
CA VAL A 290 1.85 -18.06 6.71
C VAL A 290 2.14 -19.33 5.90
N ARG A 291 2.74 -19.14 4.73
CA ARG A 291 3.28 -20.23 3.93
C ARG A 291 4.80 -20.12 3.91
N VAL A 292 5.47 -21.24 4.16
CA VAL A 292 6.93 -21.29 4.08
C VAL A 292 7.38 -21.97 2.76
N SER A 293 8.52 -21.51 2.24
CA SER A 293 9.07 -22.09 1.03
C SER A 293 9.59 -23.50 1.29
N THR A 294 9.47 -24.35 0.27
CA THR A 294 10.01 -25.70 0.31
C THR A 294 11.32 -25.76 -0.47
N GLU A 295 11.83 -24.60 -0.88
CA GLU A 295 12.95 -24.54 -1.82
C GLU A 295 14.06 -23.58 -1.40
N THR A 296 13.68 -22.47 -0.77
CA THR A 296 14.62 -21.52 -0.18
C THR A 296 14.27 -21.39 1.31
N PRO A 297 15.25 -21.59 2.20
CA PRO A 297 14.93 -21.45 3.62
C PRO A 297 14.69 -19.97 3.98
N GLY A 298 13.82 -19.74 4.96
CA GLY A 298 13.53 -18.38 5.44
C GLY A 298 12.79 -17.48 4.46
N GLU A 299 12.24 -18.05 3.39
CA GLU A 299 11.32 -17.36 2.50
C GLU A 299 9.90 -17.72 2.92
N GLU A 300 9.05 -16.70 3.08
CA GLU A 300 7.68 -16.88 3.59
C GLU A 300 6.68 -15.95 2.91
N LEU A 301 5.43 -16.40 2.82
CA LEU A 301 4.32 -15.53 2.42
C LEU A 301 3.34 -15.40 3.58
N VAL A 302 3.18 -14.17 4.08
CA VAL A 302 2.25 -13.91 5.16
C VAL A 302 1.04 -13.18 4.61
N ASP A 303 -0.14 -13.75 4.85
CA ASP A 303 -1.40 -13.15 4.43
C ASP A 303 -2.12 -12.62 5.66
N VAL A 304 -2.55 -11.36 5.56
CA VAL A 304 -3.28 -10.69 6.63
C VAL A 304 -4.60 -10.13 6.13
N VAL A 305 -5.67 -10.40 6.87
CA VAL A 305 -6.99 -9.89 6.55
C VAL A 305 -7.46 -9.03 7.72
N ILE A 306 -7.93 -7.84 7.40
CA ILE A 306 -8.49 -6.96 8.43
C ILE A 306 -10.00 -7.01 8.27
N SER A 307 -10.68 -7.39 9.36
CA SER A 307 -12.13 -7.56 9.36
C SER A 307 -12.78 -6.61 10.35
N ASP A 308 -13.94 -6.09 9.99
CA ASP A 308 -14.82 -5.41 10.93
C ASP A 308 -16.01 -6.35 11.16
N ARG A 309 -15.86 -7.30 12.10
CA ARG A 309 -16.89 -8.33 12.37
C ARG A 309 -18.32 -7.81 12.47
N ASP A 310 -18.54 -6.73 13.22
CA ASP A 310 -19.90 -6.29 13.50
C ASP A 310 -20.63 -5.75 12.27
N SER A 311 -19.89 -5.30 11.26
CA SER A 311 -20.54 -4.91 10.00
C SER A 311 -20.47 -5.99 8.93
N GLY A 312 -19.84 -7.13 9.26
CA GLY A 312 -19.66 -8.22 8.29
C GLY A 312 -18.75 -7.88 7.12
N ARG A 313 -17.82 -6.94 7.30
CA ARG A 313 -16.98 -6.46 6.19
C ARG A 313 -15.52 -6.84 6.39
N VAL A 314 -14.90 -7.38 5.35
CA VAL A 314 -13.45 -7.40 5.20
C VAL A 314 -13.05 -5.99 4.74
N ILE A 315 -12.17 -5.31 5.46
CA ILE A 315 -11.79 -3.94 5.06
C ILE A 315 -10.38 -3.83 4.43
N ALA A 316 -9.59 -4.89 4.60
CA ALA A 316 -8.25 -4.90 4.01
C ALA A 316 -7.67 -6.29 3.89
N VAL A 317 -6.87 -6.48 2.85
CA VAL A 317 -6.18 -7.72 2.61
C VAL A 317 -4.74 -7.36 2.26
N SER A 318 -3.80 -8.08 2.88
CA SER A 318 -2.39 -7.87 2.60
C SER A 318 -1.60 -9.17 2.48
N THR A 319 -0.64 -9.19 1.56
CA THR A 319 0.30 -10.29 1.46
C THR A 319 1.73 -9.74 1.53
N LEU A 320 2.52 -10.32 2.43
CA LEU A 320 3.94 -9.96 2.60
C LEU A 320 4.81 -11.10 2.11
N HIS A 321 5.65 -10.82 1.12
CA HIS A 321 6.68 -11.75 0.70
C HIS A 321 7.98 -11.42 1.44
N THR A 322 8.35 -12.26 2.41
CA THR A 322 9.57 -12.04 3.18
C THR A 322 10.69 -13.03 2.85
N GLN A 323 11.94 -12.59 3.04
CA GLN A 323 13.15 -13.40 2.85
C GLN A 323 14.10 -13.28 4.05
#